data_1T6D
#
_entry.id   1T6D
#
_cell.length_a   54.461
_cell.length_b   83.565
_cell.length_c   69.764
_cell.angle_alpha   90.00
_cell.angle_beta   97.39
_cell.angle_gamma   90.00
#
_symmetry.space_group_name_H-M   'P 1 21 1'
#
loop_
_entity.id
_entity.type
_entity.pdbx_description
1 polymer exopolyphosphatase
2 non-polymer 'CHLORIDE ION'
3 non-polymer 2-AMINO-2-HYDROXYMETHYL-PROPANE-1,3-DIOL
4 water water
#
_entity_poly.entity_id   1
_entity_poly.type   'polypeptide(L)'
_entity_poly.pdbx_seq_one_letter_code
;GSHMSLDNKPI(MSE)RVASIDIGSYSVRLTIAQIKDGKLSIILERGRITSLGTKVKETGRLQEDRIEETIQVLKEYKKL
IDEFKVER(MSE)KAVATEAIRRAKNAEEFLERVKREVGLVVEVITPEQEGRYAYLAVAYSLKPEGEV(MSE)VVDQGGG
STEYVFGKGYKVREVISLPIGIVNLTETFFKQDPPTEEEVKRFFEFLEKELSKVKKPVDTIVGLGGTITTLAALEYNVYP
YDPQKVHGKVLTYGQIKKWFDTFKEIPSEERSKRFRQVEDRRAKVILAGIGIFLKTLEIFEKD(CSX)LIVSDWGLREGV
LVSE(MSE)LKENHS
;
_entity_poly.pdbx_strand_id   A,B
#
loop_
_chem_comp.id
_chem_comp.type
_chem_comp.name
_chem_comp.formula
CL non-polymer 'CHLORIDE ION' 'Cl -1'
TRS non-polymer 2-AMINO-2-HYDROXYMETHYL-PROPANE-1,3-DIOL 'C4 H12 N O3 1'
#
# COMPACT_ATOMS: atom_id res chain seq x y z
N ILE A 11 45.45 7.69 -1.61
CA ILE A 11 45.41 7.62 -3.09
C ILE A 11 46.56 6.79 -3.64
N MSE A 12 46.24 5.58 -4.08
CA MSE A 12 47.23 4.66 -4.62
C MSE A 12 46.95 4.35 -6.08
O MSE A 12 45.86 4.60 -6.58
CB MSE A 12 47.22 3.38 -3.80
CG MSE A 12 47.44 3.64 -2.32
SE MSE A 12 46.99 2.11 -1.27
CE MSE A 12 45.07 2.36 -1.21
N ARG A 13 47.94 3.79 -6.76
CA ARG A 13 47.79 3.46 -8.17
C ARG A 13 48.38 2.13 -8.54
N VAL A 14 47.77 1.49 -9.52
CA VAL A 14 48.21 0.20 -10.01
C VAL A 14 48.28 0.31 -11.53
N ALA A 15 49.08 -0.54 -12.16
CA ALA A 15 49.21 -0.51 -13.61
C ALA A 15 49.34 -1.91 -14.15
N SER A 16 48.91 -2.08 -15.39
CA SER A 16 49.02 -3.36 -16.06
C SER A 16 49.55 -3.10 -17.45
N ILE A 17 50.30 -4.05 -17.97
CA ILE A 17 50.86 -3.97 -19.30
C ILE A 17 50.48 -5.28 -19.96
N ASP A 18 49.90 -5.18 -21.14
CA ASP A 18 49.46 -6.33 -21.89
C ASP A 18 50.27 -6.38 -23.19
N ILE A 19 51.07 -7.43 -23.34
CA ILE A 19 51.90 -7.58 -24.54
C ILE A 19 51.23 -8.59 -25.46
N GLY A 20 50.66 -8.09 -26.56
CA GLY A 20 49.99 -8.97 -27.50
C GLY A 20 50.78 -9.19 -28.78
N SER A 21 50.23 -9.98 -29.69
CA SER A 21 50.88 -10.27 -30.95
C SER A 21 50.81 -9.08 -31.89
N TYR A 22 49.95 -8.12 -31.57
CA TYR A 22 49.76 -6.94 -32.41
C TYR A 22 50.13 -5.64 -31.71
N SER A 23 49.60 -5.43 -30.52
CA SER A 23 49.88 -4.20 -29.79
C SER A 23 50.34 -4.41 -28.35
N VAL A 24 50.97 -3.38 -27.81
CA VAL A 24 51.45 -3.38 -26.45
C VAL A 24 50.60 -2.31 -25.79
N ARG A 25 49.86 -2.67 -24.74
CA ARG A 25 48.99 -1.72 -24.07
C ARG A 25 49.27 -1.50 -22.58
N LEU A 26 49.21 -0.24 -22.16
CA LEU A 26 49.42 0.16 -20.78
C LEU A 26 48.15 0.75 -20.20
N THR A 27 47.87 0.41 -18.95
CA THR A 27 46.71 0.95 -18.26
C THR A 27 47.10 1.25 -16.82
N ILE A 28 46.82 2.46 -16.37
CA ILE A 28 47.10 2.86 -15.00
C ILE A 28 45.77 3.28 -14.40
N ALA A 29 45.49 2.81 -13.19
CA ALA A 29 44.25 3.15 -12.51
C ALA A 29 44.58 3.71 -11.15
N GLN A 30 43.64 4.45 -10.57
CA GLN A 30 43.86 5.00 -9.25
C GLN A 30 42.84 4.36 -8.30
N ILE A 31 43.25 4.18 -7.05
CA ILE A 31 42.37 3.61 -6.05
C ILE A 31 42.01 4.76 -5.11
N LYS A 32 40.94 5.47 -5.44
CA LYS A 32 40.49 6.61 -4.63
C LYS A 32 39.09 6.34 -4.07
N ASP A 33 38.90 6.67 -2.80
CA ASP A 33 37.61 6.47 -2.13
C ASP A 33 37.22 5.01 -2.29
N GLY A 34 38.22 4.12 -2.15
CA GLY A 34 37.97 2.70 -2.28
C GLY A 34 37.30 2.35 -3.60
N LYS A 35 37.77 2.93 -4.69
CA LYS A 35 37.18 2.66 -5.99
C LYS A 35 38.21 2.76 -7.13
N LEU A 36 38.15 1.81 -8.05
CA LEU A 36 39.07 1.74 -9.18
C LEU A 36 38.63 2.57 -10.38
N SER A 37 39.49 3.47 -10.83
CA SER A 37 39.21 4.31 -12.00
C SER A 37 40.44 4.44 -12.89
N ILE A 38 40.26 4.28 -14.19
CA ILE A 38 41.35 4.38 -15.16
C ILE A 38 41.77 5.85 -15.31
N ILE A 39 43.05 6.13 -15.07
CA ILE A 39 43.54 7.50 -15.20
C ILE A 39 44.52 7.71 -16.35
N LEU A 40 44.97 6.62 -16.98
CA LEU A 40 45.90 6.74 -18.08
C LEU A 40 45.95 5.47 -18.92
N GLU A 41 45.98 5.63 -20.23
CA GLU A 41 46.05 4.50 -21.15
C GLU A 41 46.94 4.83 -22.34
N ARG A 42 47.59 3.79 -22.86
CA ARG A 42 48.46 3.95 -24.01
C ARG A 42 48.41 2.65 -24.78
N GLY A 43 48.41 2.78 -26.10
CA GLY A 43 48.41 1.62 -26.95
C GLY A 43 49.47 1.84 -27.99
N ARG A 44 50.15 0.78 -28.39
CA ARG A 44 51.19 0.89 -29.40
C ARG A 44 51.30 -0.39 -30.19
N ILE A 45 51.23 -0.26 -31.51
CA ILE A 45 51.32 -1.39 -32.42
C ILE A 45 52.79 -1.70 -32.66
N THR A 46 53.19 -2.94 -32.38
CA THR A 46 54.56 -3.38 -32.56
C THR A 46 54.63 -4.71 -33.33
N SER A 47 53.48 -5.33 -33.53
CA SER A 47 53.41 -6.60 -34.27
C SER A 47 54.46 -7.62 -33.85
N LEU A 48 54.43 -8.04 -32.59
CA LEU A 48 55.39 -9.01 -32.08
C LEU A 48 55.20 -10.40 -32.69
N GLY A 49 54.00 -10.69 -33.17
CA GLY A 49 53.75 -12.00 -33.75
C GLY A 49 54.12 -12.19 -35.20
N THR A 50 54.69 -11.16 -35.83
CA THR A 50 55.07 -11.25 -37.24
C THR A 50 55.99 -12.44 -37.57
N LYS A 51 55.68 -13.12 -38.65
CA LYS A 51 56.44 -14.27 -39.14
C LYS A 51 56.73 -15.38 -38.13
N VAL A 52 56.10 -15.31 -36.96
CA VAL A 52 56.30 -16.33 -35.96
C VAL A 52 55.85 -17.69 -36.52
N LYS A 53 54.88 -17.65 -37.41
CA LYS A 53 54.35 -18.86 -38.02
C LYS A 53 55.33 -19.53 -38.99
N GLU A 54 55.82 -18.76 -39.97
CA GLU A 54 56.74 -19.29 -40.97
C GLU A 54 58.16 -19.55 -40.45
N THR A 55 58.66 -18.65 -39.59
CA THR A 55 60.01 -18.79 -39.06
C THR A 55 60.08 -19.45 -37.69
N GLY A 56 58.99 -19.35 -36.93
CA GLY A 56 58.97 -19.93 -35.60
C GLY A 56 59.80 -19.14 -34.62
N ARG A 57 60.06 -17.88 -34.95
CA ARG A 57 60.85 -17.00 -34.10
C ARG A 57 60.35 -15.57 -34.11
N LEU A 58 60.55 -14.87 -32.99
CA LEU A 58 60.15 -13.48 -32.88
C LEU A 58 61.20 -12.71 -33.67
N GLN A 59 60.77 -11.77 -34.51
CA GLN A 59 61.70 -11.00 -35.31
C GLN A 59 62.42 -9.91 -34.52
N GLU A 60 63.73 -9.80 -34.73
CA GLU A 60 64.55 -8.82 -34.03
C GLU A 60 64.03 -7.40 -34.10
N ASP A 61 63.48 -6.99 -35.24
CA ASP A 61 62.97 -5.63 -35.38
C ASP A 61 61.72 -5.44 -34.51
N ARG A 62 60.89 -6.47 -34.45
CA ARG A 62 59.66 -6.40 -33.65
C ARG A 62 60.03 -6.40 -32.16
N ILE A 63 61.06 -7.17 -31.81
CA ILE A 63 61.53 -7.25 -30.44
C ILE A 63 62.08 -5.89 -29.99
N GLU A 64 62.93 -5.29 -30.81
CA GLU A 64 63.53 -4.00 -30.48
C GLU A 64 62.47 -2.92 -30.26
N GLU A 65 61.46 -2.88 -31.13
CA GLU A 65 60.42 -1.86 -30.99
C GLU A 65 59.61 -2.11 -29.72
N THR A 66 59.23 -3.36 -29.49
CA THR A 66 58.46 -3.70 -28.32
C THR A 66 59.20 -3.28 -27.05
N ILE A 67 60.50 -3.57 -26.99
CA ILE A 67 61.30 -3.21 -25.82
C ILE A 67 61.31 -1.70 -25.63
N GLN A 68 61.45 -0.96 -26.73
CA GLN A 68 61.46 0.50 -26.63
C GLN A 68 60.13 1.04 -26.11
N VAL A 69 59.04 0.43 -26.53
CA VAL A 69 57.73 0.89 -26.05
C VAL A 69 57.60 0.58 -24.56
N LEU A 70 58.13 -0.57 -24.16
CA LEU A 70 58.06 -0.99 -22.76
C LEU A 70 58.87 -0.05 -21.88
N LYS A 71 60.01 0.41 -22.38
CA LYS A 71 60.81 1.34 -21.58
C LYS A 71 59.97 2.59 -21.40
N GLU A 72 59.28 3.01 -22.46
CA GLU A 72 58.43 4.20 -22.39
C GLU A 72 57.37 4.03 -21.30
N TYR A 73 56.65 2.92 -21.35
CA TYR A 73 55.59 2.65 -20.37
C TYR A 73 56.13 2.59 -18.95
N LYS A 74 57.35 2.05 -18.78
CA LYS A 74 57.96 1.95 -17.47
C LYS A 74 58.24 3.35 -16.92
N LYS A 75 58.62 4.28 -17.79
CA LYS A 75 58.89 5.65 -17.38
C LYS A 75 57.57 6.28 -16.89
N LEU A 76 56.51 6.04 -17.65
CA LEU A 76 55.21 6.57 -17.27
C LEU A 76 54.79 5.98 -15.93
N ILE A 77 55.04 4.69 -15.74
CA ILE A 77 54.69 4.02 -14.50
C ILE A 77 55.47 4.61 -13.32
N ASP A 78 56.77 4.82 -13.51
CA ASP A 78 57.58 5.40 -12.45
C ASP A 78 57.17 6.84 -12.20
N GLU A 79 56.86 7.56 -13.28
CA GLU A 79 56.45 8.95 -13.18
C GLU A 79 55.21 9.04 -12.30
N PHE A 80 54.20 8.23 -12.60
CA PHE A 80 52.97 8.23 -11.83
C PHE A 80 53.17 7.54 -10.50
N LYS A 81 54.40 7.13 -10.23
CA LYS A 81 54.75 6.46 -8.98
C LYS A 81 53.74 5.37 -8.61
N VAL A 82 53.63 4.36 -9.47
CA VAL A 82 52.71 3.25 -9.25
C VAL A 82 53.26 2.29 -8.19
N GLU A 83 52.40 1.91 -7.24
CA GLU A 83 52.80 1.03 -6.16
C GLU A 83 52.81 -0.45 -6.54
N ARG A 84 51.97 -0.84 -7.48
CA ARG A 84 51.91 -2.23 -7.93
C ARG A 84 51.69 -2.28 -9.43
N MSE A 85 52.51 -3.08 -10.12
CA MSE A 85 52.39 -3.22 -11.56
C MSE A 85 52.51 -4.69 -11.96
O MSE A 85 53.20 -5.47 -11.29
CB MSE A 85 53.49 -2.42 -12.27
CG MSE A 85 54.78 -3.19 -12.51
SE MSE A 85 56.29 -2.04 -12.88
CE MSE A 85 56.97 -1.92 -11.06
N LYS A 86 51.83 -5.06 -13.04
CA LYS A 86 51.86 -6.42 -13.53
C LYS A 86 51.88 -6.40 -15.05
N ALA A 87 52.79 -7.15 -15.66
CA ALA A 87 52.88 -7.23 -17.11
C ALA A 87 52.63 -8.66 -17.54
N VAL A 88 51.77 -8.83 -18.54
CA VAL A 88 51.45 -10.14 -19.07
C VAL A 88 51.58 -10.17 -20.59
N ALA A 89 51.77 -11.37 -21.13
CA ALA A 89 51.90 -11.58 -22.56
C ALA A 89 51.03 -12.79 -22.95
N THR A 90 50.52 -12.78 -24.16
CA THR A 90 49.68 -13.85 -24.67
C THR A 90 50.47 -15.14 -24.88
N GLU A 91 49.79 -16.26 -24.69
CA GLU A 91 50.39 -17.60 -24.85
C GLU A 91 51.05 -17.73 -26.23
N ALA A 92 50.47 -17.03 -27.21
CA ALA A 92 50.95 -17.05 -28.59
C ALA A 92 52.47 -16.93 -28.70
N ILE A 93 53.08 -16.11 -27.84
CA ILE A 93 54.52 -15.94 -27.89
C ILE A 93 55.25 -17.26 -27.65
N ARG A 94 54.53 -18.23 -27.07
CA ARG A 94 55.11 -19.54 -26.79
C ARG A 94 55.44 -20.28 -28.08
N ARG A 95 54.87 -19.82 -29.18
CA ARG A 95 55.09 -20.45 -30.48
C ARG A 95 56.46 -20.08 -31.06
N ALA A 96 57.16 -19.17 -30.40
CA ALA A 96 58.47 -18.74 -30.85
C ALA A 96 59.54 -19.36 -29.94
N LYS A 97 60.53 -20.00 -30.54
CA LYS A 97 61.60 -20.65 -29.79
C LYS A 97 62.48 -19.68 -28.98
N ASN A 98 62.42 -18.39 -29.34
CA ASN A 98 63.21 -17.38 -28.65
C ASN A 98 62.36 -16.54 -27.69
N ALA A 99 61.21 -17.09 -27.29
CA ALA A 99 60.32 -16.39 -26.38
C ALA A 99 61.01 -16.07 -25.05
N GLU A 100 61.68 -17.06 -24.48
CA GLU A 100 62.37 -16.85 -23.21
C GLU A 100 63.49 -15.83 -23.30
N GLU A 101 64.19 -15.79 -24.43
CA GLU A 101 65.26 -14.82 -24.57
C GLU A 101 64.64 -13.43 -24.61
N PHE A 102 63.48 -13.31 -25.26
CA PHE A 102 62.79 -12.03 -25.33
C PHE A 102 62.36 -11.59 -23.93
N LEU A 103 61.74 -12.50 -23.20
CA LEU A 103 61.29 -12.18 -21.85
C LEU A 103 62.47 -11.79 -20.97
N GLU A 104 63.58 -12.51 -21.10
CA GLU A 104 64.74 -12.19 -20.29
C GLU A 104 65.24 -10.79 -20.63
N ARG A 105 65.29 -10.46 -21.93
CA ARG A 105 65.75 -9.13 -22.31
C ARG A 105 64.88 -8.05 -21.69
N VAL A 106 63.57 -8.31 -21.64
CA VAL A 106 62.64 -7.33 -21.07
C VAL A 106 62.92 -7.13 -19.58
N LYS A 107 63.24 -8.20 -18.88
CA LYS A 107 63.52 -8.10 -17.45
C LYS A 107 64.75 -7.24 -17.17
N ARG A 108 65.86 -7.53 -17.86
CA ARG A 108 67.10 -6.78 -17.66
C ARG A 108 67.08 -5.34 -18.15
N GLU A 109 66.58 -5.13 -19.37
CA GLU A 109 66.55 -3.78 -19.95
C GLU A 109 65.44 -2.83 -19.52
N VAL A 110 64.27 -3.36 -19.18
CA VAL A 110 63.16 -2.52 -18.77
C VAL A 110 62.87 -2.61 -17.27
N GLY A 111 63.17 -3.77 -16.69
CA GLY A 111 62.93 -3.97 -15.28
C GLY A 111 61.54 -4.55 -15.09
N LEU A 112 61.00 -5.17 -16.14
CA LEU A 112 59.67 -5.76 -16.05
C LEU A 112 59.75 -7.28 -16.10
N VAL A 113 59.06 -7.93 -15.18
CA VAL A 113 59.01 -9.39 -15.14
C VAL A 113 57.71 -9.79 -15.82
N VAL A 114 57.79 -10.14 -17.10
CA VAL A 114 56.60 -10.52 -17.86
C VAL A 114 56.16 -11.96 -17.67
N GLU A 115 54.88 -12.16 -17.37
CA GLU A 115 54.37 -13.52 -17.24
C GLU A 115 53.53 -13.85 -18.47
N VAL A 116 53.87 -14.94 -19.14
CA VAL A 116 53.11 -15.38 -20.30
C VAL A 116 51.98 -16.17 -19.70
N ILE A 117 50.79 -15.60 -19.68
CA ILE A 117 49.63 -16.26 -19.08
C ILE A 117 48.91 -17.23 -20.00
N THR A 118 48.27 -18.22 -19.41
CA THR A 118 47.52 -19.24 -20.16
C THR A 118 46.10 -18.72 -20.38
N PRO A 119 45.36 -19.34 -21.31
CA PRO A 119 43.99 -18.91 -21.58
C PRO A 119 43.18 -18.94 -20.29
N GLU A 120 43.45 -19.94 -19.46
CA GLU A 120 42.76 -20.10 -18.18
C GLU A 120 43.01 -18.90 -17.26
N GLN A 121 44.26 -18.42 -17.23
CA GLN A 121 44.60 -17.25 -16.40
C GLN A 121 43.94 -16.02 -17.00
N GLU A 122 44.01 -15.90 -18.34
CA GLU A 122 43.40 -14.76 -19.04
C GLU A 122 41.93 -14.73 -18.69
N GLY A 123 41.28 -15.88 -18.83
CA GLY A 123 39.86 -15.96 -18.52
C GLY A 123 39.57 -15.48 -17.11
N ARG A 124 40.42 -15.87 -16.16
CA ARG A 124 40.20 -15.45 -14.77
C ARG A 124 40.28 -13.95 -14.60
N TYR A 125 41.30 -13.34 -15.20
CA TYR A 125 41.45 -11.91 -15.09
C TYR A 125 40.25 -11.19 -15.71
N ALA A 126 39.77 -11.70 -16.83
CA ALA A 126 38.63 -11.09 -17.51
C ALA A 126 37.37 -11.21 -16.65
N TYR A 127 37.19 -12.36 -16.02
CA TYR A 127 36.03 -12.55 -15.16
C TYR A 127 36.15 -11.57 -14.00
N LEU A 128 37.37 -11.44 -13.47
CA LEU A 128 37.61 -10.52 -12.35
C LEU A 128 37.16 -9.11 -12.70
N ALA A 129 37.51 -8.64 -13.89
CA ALA A 129 37.13 -7.30 -14.32
C ALA A 129 35.60 -7.18 -14.36
N VAL A 130 34.93 -8.23 -14.82
CA VAL A 130 33.47 -8.21 -14.90
C VAL A 130 32.83 -8.21 -13.51
N ALA A 131 33.29 -9.09 -12.64
CA ALA A 131 32.72 -9.17 -11.29
C ALA A 131 32.77 -7.79 -10.63
N TYR A 132 33.90 -7.11 -10.78
CA TYR A 132 34.07 -5.79 -10.19
C TYR A 132 33.27 -4.68 -10.87
N SER A 133 33.22 -4.69 -12.20
CA SER A 133 32.53 -3.64 -12.95
C SER A 133 31.06 -3.82 -13.31
N LEU A 134 30.53 -5.04 -13.17
CA LEU A 134 29.13 -5.27 -13.50
C LEU A 134 28.38 -6.04 -12.42
N LYS A 135 29.11 -6.91 -11.73
CA LYS A 135 28.51 -7.73 -10.66
C LYS A 135 27.36 -8.57 -11.18
N PRO A 136 27.61 -9.39 -12.21
CA PRO A 136 26.53 -10.23 -12.75
C PRO A 136 25.90 -11.14 -11.68
N GLU A 137 24.59 -11.30 -11.75
CA GLU A 137 23.81 -12.09 -10.80
C GLU A 137 23.89 -13.60 -11.01
N GLY A 138 23.57 -14.34 -9.96
CA GLY A 138 23.57 -15.80 -10.00
C GLY A 138 24.75 -16.45 -10.67
N GLU A 139 24.50 -17.58 -11.33
CA GLU A 139 25.54 -18.30 -12.03
C GLU A 139 25.90 -17.52 -13.30
N VAL A 140 27.13 -17.02 -13.34
CA VAL A 140 27.62 -16.20 -14.44
C VAL A 140 28.50 -16.92 -15.47
N MSE A 141 28.41 -16.50 -16.73
CA MSE A 141 29.28 -17.05 -17.76
C MSE A 141 29.80 -15.89 -18.57
O MSE A 141 29.02 -15.15 -19.19
CB MSE A 141 28.56 -18.04 -18.68
CG MSE A 141 29.58 -18.72 -19.63
SE MSE A 141 28.92 -19.83 -21.06
CE MSE A 141 30.41 -20.92 -21.40
N VAL A 142 31.12 -15.72 -18.58
CA VAL A 142 31.74 -14.65 -19.32
C VAL A 142 32.26 -15.21 -20.63
N VAL A 143 31.86 -14.57 -21.73
CA VAL A 143 32.29 -14.99 -23.06
C VAL A 143 33.23 -13.91 -23.59
N ASP A 144 34.52 -14.18 -23.53
CA ASP A 144 35.54 -13.22 -23.99
C ASP A 144 36.17 -13.63 -25.32
N GLN A 145 35.76 -12.96 -26.39
CA GLN A 145 36.29 -13.26 -27.72
C GLN A 145 37.38 -12.26 -28.11
N GLY A 146 38.52 -12.78 -28.54
CA GLY A 146 39.62 -11.92 -28.95
C GLY A 146 40.99 -12.58 -28.86
N GLY A 147 41.94 -12.09 -29.66
CA GLY A 147 43.29 -12.63 -29.62
C GLY A 147 43.45 -14.03 -30.20
N GLY A 148 42.48 -14.49 -30.98
CA GLY A 148 42.60 -15.81 -31.57
C GLY A 148 41.84 -16.90 -30.84
N SER A 149 41.08 -16.53 -29.82
CA SER A 149 40.31 -17.52 -29.08
C SER A 149 39.15 -16.89 -28.33
N THR A 150 38.27 -17.74 -27.82
CA THR A 150 37.12 -17.29 -27.07
C THR A 150 37.06 -18.09 -25.76
N GLU A 151 37.17 -17.40 -24.64
CA GLU A 151 37.10 -18.05 -23.34
C GLU A 151 35.69 -17.99 -22.81
N TYR A 152 35.26 -19.12 -22.26
CA TYR A 152 33.94 -19.23 -21.64
C TYR A 152 34.29 -19.48 -20.17
N VAL A 153 34.00 -18.50 -19.33
CA VAL A 153 34.32 -18.57 -17.91
C VAL A 153 33.05 -18.61 -17.06
N PHE A 154 32.98 -19.59 -16.16
CA PHE A 154 31.82 -19.76 -15.28
C PHE A 154 32.08 -19.35 -13.85
N GLY A 155 31.08 -18.75 -13.21
CA GLY A 155 31.27 -18.33 -11.83
C GLY A 155 30.04 -17.80 -11.12
N LYS A 156 30.25 -17.45 -9.86
CA LYS A 156 29.22 -16.90 -8.99
C LYS A 156 29.97 -15.80 -8.23
N GLY A 157 29.47 -14.58 -8.27
CA GLY A 157 30.17 -13.50 -7.59
C GLY A 157 31.61 -13.47 -8.08
N TYR A 158 32.52 -13.02 -7.22
CA TYR A 158 33.94 -12.94 -7.57
C TYR A 158 34.61 -14.30 -7.71
N LYS A 159 33.88 -15.37 -7.39
CA LYS A 159 34.45 -16.71 -7.45
C LYS A 159 34.32 -17.40 -8.80
N VAL A 160 35.45 -17.56 -9.49
CA VAL A 160 35.47 -18.24 -10.77
C VAL A 160 35.41 -19.73 -10.50
N ARG A 161 34.60 -20.44 -11.29
CA ARG A 161 34.45 -21.87 -11.13
C ARG A 161 35.31 -22.66 -12.11
N GLU A 162 35.18 -22.33 -13.39
CA GLU A 162 35.94 -23.01 -14.44
C GLU A 162 36.09 -22.12 -15.67
N VAL A 163 37.12 -22.40 -16.46
CA VAL A 163 37.39 -21.66 -17.68
C VAL A 163 37.59 -22.66 -18.80
N ILE A 164 36.89 -22.44 -19.92
CA ILE A 164 37.00 -23.32 -21.08
C ILE A 164 37.33 -22.46 -22.28
N SER A 165 38.57 -22.59 -22.76
CA SER A 165 39.04 -21.80 -23.89
C SER A 165 38.96 -22.60 -25.18
N LEU A 166 38.46 -21.96 -26.24
CA LEU A 166 38.34 -22.56 -27.56
C LEU A 166 39.14 -21.71 -28.53
N PRO A 167 40.09 -22.33 -29.25
CA PRO A 167 40.91 -21.57 -30.21
C PRO A 167 40.23 -21.33 -31.55
N ILE A 168 39.12 -20.58 -31.53
CA ILE A 168 38.39 -20.29 -32.75
C ILE A 168 38.50 -18.84 -33.17
N GLY A 169 39.74 -18.37 -33.34
CA GLY A 169 39.97 -17.00 -33.74
C GLY A 169 39.14 -16.59 -34.94
N ILE A 170 38.63 -15.36 -34.94
CA ILE A 170 37.80 -14.89 -36.03
C ILE A 170 38.59 -14.75 -37.32
N VAL A 171 39.89 -14.47 -37.21
CA VAL A 171 40.73 -14.37 -38.40
C VAL A 171 40.81 -15.77 -39.00
N ASN A 172 41.00 -16.76 -38.14
CA ASN A 172 41.10 -18.16 -38.56
C ASN A 172 39.78 -18.64 -39.17
N LEU A 173 38.68 -18.42 -38.47
CA LEU A 173 37.38 -18.83 -38.98
C LEU A 173 37.01 -18.20 -40.30
N THR A 174 37.33 -16.92 -40.46
CA THR A 174 37.01 -16.20 -41.70
C THR A 174 37.82 -16.76 -42.86
N GLU A 175 39.10 -16.99 -42.62
CA GLU A 175 39.98 -17.53 -43.65
C GLU A 175 39.60 -18.97 -43.96
N THR A 176 39.13 -19.70 -42.95
CA THR A 176 38.76 -21.09 -43.13
C THR A 176 37.43 -21.34 -43.84
N PHE A 177 36.37 -20.63 -43.44
CA PHE A 177 35.04 -20.82 -44.01
C PHE A 177 34.57 -19.86 -45.10
N PHE A 178 34.97 -18.59 -45.00
CA PHE A 178 34.51 -17.61 -45.98
C PHE A 178 35.55 -17.33 -47.06
N LYS A 179 35.62 -18.20 -48.05
CA LYS A 179 36.57 -18.04 -49.15
C LYS A 179 36.11 -16.91 -50.07
N GLN A 180 34.88 -16.44 -49.84
CA GLN A 180 34.31 -15.35 -50.64
C GLN A 180 33.91 -14.15 -49.78
N ASP A 181 33.89 -12.96 -50.39
CA ASP A 181 33.55 -11.73 -49.68
C ASP A 181 32.41 -10.99 -50.40
N PRO A 182 31.18 -11.03 -49.86
CA PRO A 182 30.79 -11.73 -48.62
C PRO A 182 30.76 -13.24 -48.86
N PRO A 183 30.59 -14.03 -47.79
CA PRO A 183 30.56 -15.49 -47.93
C PRO A 183 29.26 -15.98 -48.55
N THR A 184 29.33 -17.15 -49.19
CA THR A 184 28.15 -17.74 -49.82
C THR A 184 27.31 -18.35 -48.71
N GLU A 185 26.04 -18.63 -48.99
CA GLU A 185 25.16 -19.23 -47.99
C GLU A 185 25.73 -20.54 -47.48
N GLU A 186 26.38 -21.29 -48.35
CA GLU A 186 26.97 -22.57 -47.96
C GLU A 186 28.14 -22.37 -47.01
N GLU A 187 28.99 -21.39 -47.30
CA GLU A 187 30.13 -21.12 -46.43
C GLU A 187 29.59 -20.75 -45.04
N VAL A 188 28.61 -19.84 -45.01
CA VAL A 188 28.01 -19.43 -43.75
C VAL A 188 27.45 -20.66 -43.04
N LYS A 189 26.75 -21.49 -43.80
CA LYS A 189 26.14 -22.72 -43.28
C LYS A 189 27.20 -23.64 -42.66
N ARG A 190 28.31 -23.87 -43.37
CA ARG A 190 29.36 -24.72 -42.85
C ARG A 190 29.95 -24.04 -41.61
N PHE A 191 30.01 -22.72 -41.68
CA PHE A 191 30.53 -21.92 -40.57
C PHE A 191 29.79 -22.24 -39.27
N PHE A 192 28.47 -22.09 -39.29
CA PHE A 192 27.65 -22.36 -38.11
C PHE A 192 27.63 -23.82 -37.67
N GLU A 193 27.75 -24.73 -38.62
CA GLU A 193 27.75 -26.16 -38.31
C GLU A 193 28.94 -26.42 -37.39
N PHE A 194 30.08 -25.82 -37.72
CA PHE A 194 31.28 -25.98 -36.91
C PHE A 194 31.08 -25.42 -35.49
N LEU A 195 30.55 -24.20 -35.38
CA LEU A 195 30.35 -23.61 -34.07
C LEU A 195 29.40 -24.44 -33.21
N GLU A 196 28.35 -24.95 -33.83
CA GLU A 196 27.38 -25.78 -33.10
C GLU A 196 28.08 -27.01 -32.52
N LYS A 197 28.89 -27.66 -33.34
CA LYS A 197 29.62 -28.85 -32.90
C LYS A 197 30.53 -28.49 -31.73
N GLU A 198 31.30 -27.41 -31.87
CA GLU A 198 32.22 -27.01 -30.82
C GLU A 198 31.54 -26.42 -29.58
N LEU A 199 30.56 -25.54 -29.77
CA LEU A 199 29.87 -24.92 -28.64
C LEU A 199 28.98 -25.89 -27.86
N SER A 200 28.25 -26.75 -28.57
CA SER A 200 27.36 -27.71 -27.91
C SER A 200 28.10 -28.50 -26.83
N LYS A 201 29.39 -28.71 -27.03
CA LYS A 201 30.21 -29.46 -26.10
C LYS A 201 30.59 -28.68 -24.82
N VAL A 202 30.26 -27.40 -24.79
CA VAL A 202 30.58 -26.56 -23.63
C VAL A 202 29.34 -26.13 -22.86
N LYS A 203 28.17 -26.50 -23.38
CA LYS A 203 26.90 -26.14 -22.76
C LYS A 203 26.78 -26.49 -21.27
N LYS A 204 26.28 -25.53 -20.50
CA LYS A 204 26.07 -25.66 -19.06
C LYS A 204 24.97 -24.69 -18.65
N PRO A 205 24.37 -24.90 -17.47
CA PRO A 205 23.30 -24.00 -17.03
C PRO A 205 23.90 -22.71 -16.48
N VAL A 206 23.40 -21.57 -16.96
CA VAL A 206 23.88 -20.27 -16.50
C VAL A 206 22.70 -19.31 -16.39
N ASP A 207 22.85 -18.28 -15.56
CA ASP A 207 21.80 -17.28 -15.36
C ASP A 207 22.06 -15.97 -16.08
N THR A 208 23.33 -15.55 -16.12
CA THR A 208 23.70 -14.30 -16.75
C THR A 208 24.93 -14.45 -17.65
N ILE A 209 24.80 -14.01 -18.89
CA ILE A 209 25.90 -14.08 -19.84
C ILE A 209 26.45 -12.68 -20.07
N VAL A 210 27.77 -12.56 -20.04
CA VAL A 210 28.44 -11.28 -20.26
C VAL A 210 29.43 -11.46 -21.40
N GLY A 211 29.32 -10.60 -22.42
CA GLY A 211 30.21 -10.69 -23.56
C GLY A 211 31.28 -9.63 -23.57
N LEU A 212 32.51 -10.04 -23.90
CA LEU A 212 33.66 -9.14 -23.95
C LEU A 212 34.37 -9.22 -25.29
N GLY A 213 35.10 -8.17 -25.65
CA GLY A 213 35.83 -8.18 -26.90
C GLY A 213 35.40 -7.13 -27.91
N GLY A 214 36.25 -6.94 -28.92
CA GLY A 214 35.99 -5.95 -29.94
C GLY A 214 34.70 -6.17 -30.72
N THR A 215 34.40 -7.43 -31.02
CA THR A 215 33.19 -7.72 -31.78
C THR A 215 31.92 -7.30 -31.04
N ILE A 216 31.80 -7.71 -29.78
CA ILE A 216 30.61 -7.40 -29.00
C ILE A 216 30.45 -5.93 -28.63
N THR A 217 31.55 -5.23 -28.32
CA THR A 217 31.43 -3.80 -27.99
C THR A 217 31.11 -3.03 -29.29
N THR A 218 31.56 -3.56 -30.42
CA THR A 218 31.27 -2.92 -31.70
C THR A 218 29.78 -3.11 -31.99
N LEU A 219 29.26 -4.30 -31.69
CA LEU A 219 27.84 -4.58 -31.92
C LEU A 219 26.98 -3.62 -31.09
N ALA A 220 27.35 -3.42 -29.84
CA ALA A 220 26.61 -2.52 -28.98
C ALA A 220 26.69 -1.10 -29.54
N ALA A 221 27.87 -0.71 -30.01
CA ALA A 221 28.02 0.63 -30.57
C ALA A 221 27.14 0.77 -31.79
N LEU A 222 27.05 -0.29 -32.59
CA LEU A 222 26.22 -0.26 -33.78
C LEU A 222 24.75 -0.14 -33.40
N GLU A 223 24.31 -1.04 -32.53
CA GLU A 223 22.92 -1.10 -32.09
C GLU A 223 22.43 0.19 -31.44
N TYR A 224 23.25 0.77 -30.58
CA TYR A 224 22.86 1.98 -29.89
C TYR A 224 23.39 3.28 -30.47
N ASN A 225 23.89 3.21 -31.70
CA ASN A 225 24.39 4.39 -32.41
C ASN A 225 25.42 5.20 -31.64
N VAL A 226 26.44 4.52 -31.13
CA VAL A 226 27.49 5.20 -30.38
C VAL A 226 28.68 5.45 -31.31
N TYR A 227 29.03 6.73 -31.47
CA TYR A 227 30.16 7.11 -32.31
C TYR A 227 30.59 8.56 -32.07
N PRO A 228 31.88 8.79 -31.82
CA PRO A 228 32.93 7.74 -31.75
C PRO A 228 32.66 6.80 -30.56
N TYR A 229 33.51 5.82 -30.37
CA TYR A 229 33.34 4.87 -29.28
C TYR A 229 33.43 5.54 -27.92
N ASP A 230 32.47 5.28 -27.05
CA ASP A 230 32.46 5.85 -25.72
C ASP A 230 32.12 4.73 -24.73
N PRO A 231 33.10 4.28 -23.96
CA PRO A 231 32.94 3.22 -22.96
C PRO A 231 31.69 3.38 -22.10
N GLN A 232 31.39 4.62 -21.73
CA GLN A 232 30.23 4.91 -20.89
C GLN A 232 28.91 4.53 -21.54
N LYS A 233 28.82 4.69 -22.85
CA LYS A 233 27.57 4.38 -23.55
C LYS A 233 27.47 2.92 -23.98
N VAL A 234 28.52 2.16 -23.77
CA VAL A 234 28.49 0.76 -24.18
C VAL A 234 28.51 -0.21 -23.01
N HIS A 235 29.33 0.09 -22.01
CA HIS A 235 29.44 -0.76 -20.83
C HIS A 235 28.09 -0.93 -20.15
N GLY A 236 27.66 -2.18 -19.96
CA GLY A 236 26.39 -2.42 -19.30
C GLY A 236 25.21 -2.52 -20.23
N LYS A 237 25.40 -2.19 -21.51
CA LYS A 237 24.31 -2.28 -22.47
C LYS A 237 23.89 -3.73 -22.65
N VAL A 238 22.62 -3.94 -22.95
CA VAL A 238 22.09 -5.28 -23.16
C VAL A 238 21.85 -5.53 -24.65
N LEU A 239 22.16 -6.73 -25.10
CA LEU A 239 21.92 -7.09 -26.50
C LEU A 239 21.17 -8.41 -26.51
N THR A 240 20.03 -8.44 -27.20
CA THR A 240 19.22 -9.64 -27.30
C THR A 240 19.69 -10.45 -28.50
N TYR A 241 19.25 -11.70 -28.57
CA TYR A 241 19.61 -12.56 -29.69
C TYR A 241 19.12 -11.89 -30.97
N GLY A 242 17.93 -11.32 -30.90
CA GLY A 242 17.34 -10.66 -32.07
C GLY A 242 18.14 -9.49 -32.59
N GLN A 243 18.62 -8.65 -31.67
CA GLN A 243 19.42 -7.49 -32.07
C GLN A 243 20.70 -7.98 -32.75
N ILE A 244 21.36 -8.96 -32.14
CA ILE A 244 22.58 -9.49 -32.70
C ILE A 244 22.31 -10.14 -34.04
N LYS A 245 21.22 -10.90 -34.12
CA LYS A 245 20.86 -11.56 -35.38
C LYS A 245 20.65 -10.52 -36.48
N LYS A 246 20.05 -9.39 -36.15
CA LYS A 246 19.78 -8.33 -37.12
C LYS A 246 21.08 -7.83 -37.75
N TRP A 247 22.09 -7.59 -36.91
CA TRP A 247 23.36 -7.11 -37.45
C TRP A 247 24.05 -8.20 -38.26
N PHE A 248 23.93 -9.44 -37.83
CA PHE A 248 24.55 -10.53 -38.59
C PHE A 248 23.97 -10.54 -40.01
N ASP A 249 22.64 -10.47 -40.10
CA ASP A 249 21.98 -10.48 -41.41
C ASP A 249 22.29 -9.26 -42.26
N THR A 250 22.57 -8.13 -41.64
CA THR A 250 22.89 -6.91 -42.39
C THR A 250 24.28 -7.03 -43.03
N PHE A 251 25.25 -7.50 -42.25
CA PHE A 251 26.62 -7.64 -42.72
C PHE A 251 26.89 -8.82 -43.68
N LYS A 252 26.19 -9.93 -43.48
CA LYS A 252 26.40 -11.09 -44.34
C LYS A 252 25.95 -10.84 -45.78
N GLU A 253 25.11 -9.83 -45.98
CA GLU A 253 24.59 -9.51 -47.31
C GLU A 253 25.49 -8.56 -48.13
N ILE A 254 26.50 -7.98 -47.51
CA ILE A 254 27.38 -7.05 -48.23
C ILE A 254 28.87 -7.29 -48.02
N PRO A 255 29.69 -6.81 -48.95
CA PRO A 255 31.15 -6.94 -48.91
C PRO A 255 31.72 -6.18 -47.71
N SER A 256 32.81 -6.70 -47.15
CA SER A 256 33.43 -6.10 -45.98
C SER A 256 33.70 -4.60 -46.16
N GLU A 257 34.10 -4.18 -47.36
CA GLU A 257 34.38 -2.78 -47.62
C GLU A 257 33.15 -1.90 -47.38
N GLU A 258 31.99 -2.42 -47.77
CA GLU A 258 30.74 -1.68 -47.59
C GLU A 258 30.34 -1.59 -46.11
N ARG A 259 30.64 -2.64 -45.36
CA ARG A 259 30.32 -2.67 -43.93
C ARG A 259 30.98 -1.48 -43.24
N SER A 260 32.27 -1.26 -43.52
CA SER A 260 33.00 -0.16 -42.91
C SER A 260 32.64 1.20 -43.51
N LYS A 261 32.16 1.18 -44.76
CA LYS A 261 31.78 2.42 -45.42
C LYS A 261 30.40 2.88 -44.96
N ARG A 262 29.49 1.93 -44.77
CA ARG A 262 28.13 2.26 -44.35
C ARG A 262 27.95 2.43 -42.86
N PHE A 263 28.82 1.84 -42.06
CA PHE A 263 28.71 1.94 -40.61
C PHE A 263 30.04 2.35 -40.01
N ARG A 264 30.12 3.63 -39.63
CA ARG A 264 31.32 4.20 -39.06
C ARG A 264 31.87 3.53 -37.80
N GLN A 265 31.04 2.77 -37.10
CA GLN A 265 31.51 2.08 -35.90
C GLN A 265 32.41 0.88 -36.26
N VAL A 266 32.33 0.44 -37.51
CA VAL A 266 33.13 -0.69 -37.95
C VAL A 266 34.44 -0.24 -38.61
N GLU A 267 35.56 -0.56 -37.97
CA GLU A 267 36.87 -0.18 -38.51
C GLU A 267 37.20 -1.08 -39.69
N ASP A 268 37.85 -0.52 -40.70
CA ASP A 268 38.22 -1.27 -41.89
C ASP A 268 38.98 -2.55 -41.57
N ARG A 269 39.88 -2.48 -40.60
CA ARG A 269 40.68 -3.64 -40.21
C ARG A 269 39.80 -4.78 -39.67
N ARG A 270 38.60 -4.45 -39.22
CA ARG A 270 37.68 -5.46 -38.67
C ARG A 270 36.53 -5.80 -39.62
N ALA A 271 36.31 -4.93 -40.59
CA ALA A 271 35.23 -5.09 -41.56
C ALA A 271 34.99 -6.52 -42.04
N LYS A 272 36.06 -7.24 -42.37
CA LYS A 272 35.90 -8.60 -42.87
C LYS A 272 35.70 -9.67 -41.80
N VAL A 273 36.53 -9.66 -40.75
CA VAL A 273 36.42 -10.69 -39.73
C VAL A 273 35.29 -10.55 -38.73
N ILE A 274 34.68 -9.37 -38.64
CA ILE A 274 33.61 -9.18 -37.66
C ILE A 274 32.39 -10.08 -37.87
N LEU A 275 32.09 -10.45 -39.12
CA LEU A 275 30.94 -11.31 -39.38
C LEU A 275 31.09 -12.62 -38.60
N ALA A 276 32.29 -13.18 -38.61
CA ALA A 276 32.56 -14.43 -37.92
C ALA A 276 32.45 -14.21 -36.40
N GLY A 277 32.87 -13.03 -35.94
CA GLY A 277 32.79 -12.73 -34.53
C GLY A 277 31.34 -12.67 -34.07
N ILE A 278 30.50 -12.03 -34.88
CA ILE A 278 29.09 -11.92 -34.54
C ILE A 278 28.47 -13.32 -34.47
N GLY A 279 28.85 -14.17 -35.40
CA GLY A 279 28.33 -15.53 -35.43
C GLY A 279 28.61 -16.29 -34.14
N ILE A 280 29.80 -16.07 -33.58
CA ILE A 280 30.16 -16.75 -32.35
C ILE A 280 29.20 -16.42 -31.22
N PHE A 281 28.86 -15.14 -31.07
CA PHE A 281 27.93 -14.75 -30.01
C PHE A 281 26.52 -15.24 -30.32
N LEU A 282 26.17 -15.23 -31.59
CA LEU A 282 24.85 -15.69 -32.02
C LEU A 282 24.71 -17.16 -31.62
N LYS A 283 25.58 -18.00 -32.15
CA LYS A 283 25.54 -19.43 -31.85
C LYS A 283 25.65 -19.70 -30.35
N THR A 284 26.38 -18.85 -29.63
CA THR A 284 26.54 -19.03 -28.18
C THR A 284 25.22 -18.86 -27.44
N LEU A 285 24.45 -17.84 -27.79
CA LEU A 285 23.18 -17.60 -27.13
C LEU A 285 22.21 -18.72 -27.45
N GLU A 286 22.20 -19.16 -28.70
CA GLU A 286 21.32 -20.24 -29.12
C GLU A 286 21.64 -21.51 -28.35
N ILE A 287 22.90 -21.91 -28.37
CA ILE A 287 23.34 -23.12 -27.69
C ILE A 287 23.02 -23.11 -26.19
N PHE A 288 23.30 -21.99 -25.51
CA PHE A 288 23.05 -21.90 -24.08
C PHE A 288 21.62 -21.53 -23.71
N GLU A 289 20.75 -21.47 -24.73
CA GLU A 289 19.34 -21.13 -24.53
C GLU A 289 19.12 -19.88 -23.69
N LYS A 290 19.75 -18.79 -24.11
CA LYS A 290 19.60 -17.51 -23.43
C LYS A 290 19.17 -16.48 -24.47
N ASP A 291 18.30 -15.56 -24.06
CA ASP A 291 17.77 -14.54 -24.96
C ASP A 291 18.62 -13.27 -25.05
N CSX A 292 19.50 -13.07 -24.07
CA CSX A 292 20.32 -11.85 -24.07
CB CSX A 292 19.52 -10.68 -23.48
SG CSX A 292 19.02 -10.91 -21.73
C CSX A 292 21.61 -12.01 -23.28
O CSX A 292 21.85 -13.03 -22.61
OD CSX A 292 20.23 -10.64 -20.89
N LEU A 293 22.45 -10.99 -23.37
CA LEU A 293 23.72 -10.95 -22.66
C LEU A 293 24.02 -9.49 -22.36
N ILE A 294 24.88 -9.27 -21.36
CA ILE A 294 25.30 -7.94 -20.98
C ILE A 294 26.66 -7.73 -21.62
N VAL A 295 26.90 -6.51 -22.10
CA VAL A 295 28.16 -6.16 -22.74
C VAL A 295 29.10 -5.48 -21.75
N SER A 296 30.34 -5.93 -21.72
CA SER A 296 31.32 -5.32 -20.82
C SER A 296 32.44 -4.70 -21.61
N ASP A 297 32.79 -3.47 -21.24
CA ASP A 297 33.91 -2.77 -21.87
C ASP A 297 35.21 -3.20 -21.19
N TRP A 298 35.08 -3.73 -19.97
CA TRP A 298 36.24 -4.18 -19.19
C TRP A 298 36.55 -5.66 -19.41
N GLY A 299 37.84 -5.99 -19.43
CA GLY A 299 38.27 -7.37 -19.63
C GLY A 299 39.65 -7.60 -19.04
N LEU A 300 40.43 -8.45 -19.69
CA LEU A 300 41.79 -8.79 -19.24
C LEU A 300 42.62 -7.67 -18.63
N ARG A 301 42.88 -6.63 -19.41
CA ARG A 301 43.70 -5.51 -18.96
C ARG A 301 43.23 -4.83 -17.68
N GLU A 302 41.91 -4.71 -17.51
CA GLU A 302 41.35 -4.08 -16.33
C GLU A 302 41.33 -5.08 -15.18
N GLY A 303 41.16 -6.37 -15.50
CA GLY A 303 41.13 -7.40 -14.48
C GLY A 303 42.47 -7.50 -13.76
N VAL A 304 43.55 -7.35 -14.52
CA VAL A 304 44.86 -7.40 -13.91
C VAL A 304 44.92 -6.26 -12.89
N LEU A 305 44.29 -5.13 -13.22
CA LEU A 305 44.27 -4.00 -12.30
C LEU A 305 43.50 -4.35 -11.05
N VAL A 306 42.36 -5.03 -11.21
CA VAL A 306 41.55 -5.42 -10.07
C VAL A 306 42.30 -6.39 -9.15
N SER A 307 42.98 -7.35 -9.76
CA SER A 307 43.75 -8.34 -9.01
C SER A 307 44.89 -7.67 -8.23
N GLU A 308 45.56 -6.72 -8.87
CA GLU A 308 46.64 -6.02 -8.21
C GLU A 308 46.12 -5.12 -7.10
N MSE A 309 44.94 -4.55 -7.32
CA MSE A 309 44.32 -3.67 -6.34
C MSE A 309 43.90 -4.49 -5.11
O MSE A 309 44.01 -4.01 -3.98
CB MSE A 309 43.12 -2.95 -6.94
CG MSE A 309 42.27 -2.17 -5.95
SE MSE A 309 40.98 -3.26 -5.00
CE MSE A 309 39.50 -3.03 -6.23
N LEU A 310 43.43 -5.70 -5.34
CA LEU A 310 43.02 -6.57 -4.25
C LEU A 310 44.19 -6.98 -3.38
N LYS A 311 45.37 -7.13 -4.00
CA LYS A 311 46.55 -7.50 -3.22
C LYS A 311 47.03 -6.30 -2.41
N GLU A 312 46.68 -5.11 -2.87
CA GLU A 312 47.10 -3.87 -2.22
C GLU A 312 46.33 -3.44 -0.97
N ASN A 313 45.00 -3.51 -1.00
CA ASN A 313 44.22 -3.08 0.16
C ASN A 313 44.48 -3.90 1.42
N ILE B 11 -44.05 30.04 4.79
CA ILE B 11 -44.84 29.88 6.04
C ILE B 11 -44.96 28.39 6.38
N MSE B 12 -46.17 27.96 6.72
CA MSE B 12 -46.47 26.56 7.04
C MSE B 12 -46.28 26.12 8.48
O MSE B 12 -45.22 26.31 9.09
CB MSE B 12 -45.68 25.63 6.11
CG MSE B 12 -46.15 25.67 4.67
SE MSE B 12 -44.89 24.89 3.44
CE MSE B 12 -44.26 26.52 2.61
N ARG B 13 -47.33 25.51 9.02
CA ARG B 13 -47.34 24.99 10.38
C ARG B 13 -47.75 23.52 10.33
N VAL B 14 -47.25 22.73 11.27
CA VAL B 14 -47.59 21.32 11.32
C VAL B 14 -48.01 20.92 12.73
N ALA B 15 -48.82 19.88 12.83
CA ALA B 15 -49.28 19.42 14.13
C ALA B 15 -49.28 17.91 14.21
N SER B 16 -49.10 17.40 15.42
CA SER B 16 -49.11 15.98 15.65
C SER B 16 -49.96 15.74 16.86
N ILE B 17 -50.65 14.61 16.88
CA ILE B 17 -51.49 14.24 18.00
C ILE B 17 -51.14 12.80 18.30
N ASP B 18 -50.89 12.50 19.56
CA ASP B 18 -50.59 11.13 19.94
C ASP B 18 -51.53 10.74 21.07
N ILE B 19 -52.25 9.65 20.86
CA ILE B 19 -53.21 9.15 21.83
C ILE B 19 -52.62 7.94 22.54
N GLY B 20 -52.22 8.13 23.79
CA GLY B 20 -51.64 7.04 24.56
C GLY B 20 -52.65 6.35 25.45
N SER B 21 -52.27 5.21 26.02
CA SER B 21 -53.17 4.47 26.90
C SER B 21 -53.48 5.25 28.17
N TYR B 22 -52.84 6.40 28.33
CA TYR B 22 -53.07 7.22 29.52
C TYR B 22 -53.35 8.68 29.20
N SER B 23 -52.58 9.26 28.29
CA SER B 23 -52.76 10.67 27.93
C SER B 23 -52.89 10.89 26.44
N VAL B 24 -53.44 12.06 26.10
CA VAL B 24 -53.62 12.47 24.71
C VAL B 24 -52.92 13.82 24.59
N ARG B 25 -51.83 13.85 23.83
CA ARG B 25 -51.06 15.07 23.68
C ARG B 25 -51.17 15.73 22.32
N LEU B 26 -51.03 17.04 22.32
CA LEU B 26 -51.08 17.84 21.10
C LEU B 26 -49.78 18.63 20.98
N THR B 27 -49.24 18.71 19.77
CA THR B 27 -48.03 19.44 19.51
C THR B 27 -48.15 20.17 18.19
N ILE B 28 -47.99 21.49 18.22
CA ILE B 28 -48.07 22.29 17.02
C ILE B 28 -46.72 22.98 16.86
N ALA B 29 -46.23 23.07 15.63
CA ALA B 29 -44.93 23.69 15.37
C ALA B 29 -44.89 24.50 14.08
N GLN B 30 -43.99 25.46 14.03
CA GLN B 30 -43.82 26.33 12.86
C GLN B 30 -42.49 26.08 12.15
N ILE B 31 -42.49 26.29 10.85
CA ILE B 31 -41.30 26.13 10.02
C ILE B 31 -40.81 27.52 9.62
N LYS B 32 -40.13 28.18 10.55
CA LYS B 32 -39.62 29.53 10.29
C LYS B 32 -38.70 29.62 9.08
N ASP B 33 -37.66 28.79 9.06
CA ASP B 33 -36.72 28.79 7.95
C ASP B 33 -36.07 27.42 7.78
N GLY B 34 -36.87 26.44 7.35
CA GLY B 34 -36.36 25.10 7.18
C GLY B 34 -36.04 24.49 8.52
N LYS B 35 -36.45 25.19 9.59
CA LYS B 35 -36.23 24.73 10.95
C LYS B 35 -37.54 24.68 11.75
N LEU B 36 -37.78 23.55 12.39
CA LEU B 36 -38.98 23.34 13.19
C LEU B 36 -38.93 24.03 14.55
N SER B 37 -40.01 24.71 14.89
CA SER B 37 -40.13 25.41 16.16
C SER B 37 -41.50 25.15 16.80
N ILE B 38 -41.48 24.60 18.01
CA ILE B 38 -42.71 24.29 18.75
C ILE B 38 -43.38 25.56 19.26
N ILE B 39 -44.66 25.74 18.93
CA ILE B 39 -45.39 26.93 19.37
C ILE B 39 -46.60 26.64 20.26
N LEU B 40 -46.84 25.36 20.53
CA LEU B 40 -47.96 25.00 21.40
C LEU B 40 -47.99 23.52 21.76
N GLU B 41 -48.34 23.23 23.00
CA GLU B 41 -48.42 21.87 23.49
C GLU B 41 -49.62 21.76 24.44
N ARG B 42 -50.21 20.58 24.48
CA ARG B 42 -51.36 20.31 25.34
C ARG B 42 -51.34 18.86 25.82
N GLY B 43 -51.70 18.67 27.08
CA GLY B 43 -51.71 17.34 27.66
C GLY B 43 -52.99 17.10 28.42
N ARG B 44 -53.58 15.91 28.23
CA ARG B 44 -54.82 15.56 28.90
C ARG B 44 -54.85 14.07 29.22
N ILE B 45 -55.22 13.73 30.44
CA ILE B 45 -55.29 12.34 30.87
C ILE B 45 -56.71 11.84 30.64
N THR B 46 -56.85 10.77 29.87
CA THR B 46 -58.17 10.20 29.58
C THR B 46 -58.20 8.72 29.95
N SER B 47 -57.04 8.17 30.29
CA SER B 47 -56.91 6.76 30.68
C SER B 47 -57.68 5.79 29.79
N LEU B 48 -57.45 5.86 28.48
CA LEU B 48 -58.12 4.97 27.53
C LEU B 48 -57.81 3.51 27.84
N GLY B 49 -56.71 3.27 28.55
CA GLY B 49 -56.33 1.91 28.88
C GLY B 49 -57.12 1.30 30.02
N THR B 50 -57.96 2.12 30.66
CA THR B 50 -58.77 1.68 31.79
C THR B 50 -59.52 0.37 31.53
N LYS B 51 -59.42 -0.55 32.49
CA LYS B 51 -60.08 -1.85 32.42
C LYS B 51 -59.95 -2.59 31.09
N VAL B 52 -58.99 -2.19 30.28
CA VAL B 52 -58.78 -2.84 28.99
C VAL B 52 -58.19 -4.23 29.17
N LYS B 53 -57.34 -4.39 30.18
CA LYS B 53 -56.71 -5.68 30.46
C LYS B 53 -57.71 -6.65 31.08
N GLU B 54 -58.80 -6.10 31.60
CA GLU B 54 -59.83 -6.92 32.23
C GLU B 54 -60.97 -7.22 31.27
N THR B 55 -61.70 -6.17 30.89
CA THR B 55 -62.85 -6.29 30.00
C THR B 55 -62.43 -6.52 28.55
N GLY B 56 -61.23 -6.07 28.20
CA GLY B 56 -60.76 -6.23 26.83
C GLY B 56 -61.47 -5.24 25.93
N ARG B 57 -61.98 -4.17 26.53
CA ARG B 57 -62.68 -3.13 25.79
C ARG B 57 -62.35 -1.74 26.34
N LEU B 58 -62.34 -0.75 25.47
CA LEU B 58 -62.08 0.62 25.90
C LEU B 58 -63.41 1.07 26.51
N GLN B 59 -63.37 1.58 27.74
CA GLN B 59 -64.60 2.01 28.40
C GLN B 59 -65.20 3.25 27.75
N GLU B 60 -66.52 3.23 27.59
CA GLU B 60 -67.25 4.34 26.96
C GLU B 60 -66.92 5.72 27.52
N ASP B 61 -66.90 5.84 28.85
CA ASP B 61 -66.59 7.12 29.48
C ASP B 61 -65.24 7.65 29.01
N ARG B 62 -64.25 6.77 28.95
CA ARG B 62 -62.92 7.15 28.50
C ARG B 62 -62.97 7.60 27.04
N ILE B 63 -63.81 6.94 26.24
CA ILE B 63 -63.96 7.29 24.82
C ILE B 63 -64.59 8.67 24.73
N GLU B 64 -65.60 8.89 25.56
CA GLU B 64 -66.32 10.15 25.63
C GLU B 64 -65.36 11.31 25.81
N GLU B 65 -64.51 11.20 26.82
CA GLU B 65 -63.53 12.23 27.14
C GLU B 65 -62.48 12.35 26.04
N THR B 66 -61.91 11.23 25.65
CA THR B 66 -60.88 11.24 24.60
C THR B 66 -61.41 11.99 23.38
N ILE B 67 -62.66 11.71 23.02
CA ILE B 67 -63.27 12.36 21.85
C ILE B 67 -63.42 13.85 22.09
N GLN B 68 -63.86 14.22 23.28
CA GLN B 68 -64.03 15.62 23.62
C GLN B 68 -62.66 16.30 23.53
N VAL B 69 -61.65 15.66 24.09
CA VAL B 69 -60.28 16.18 24.06
C VAL B 69 -59.85 16.40 22.61
N LEU B 70 -60.02 15.36 21.79
CA LEU B 70 -59.66 15.43 20.39
C LEU B 70 -60.38 16.58 19.70
N LYS B 71 -61.63 16.80 20.11
CA LYS B 71 -62.40 17.90 19.54
C LYS B 71 -61.71 19.21 19.86
N GLU B 72 -61.32 19.36 21.13
CA GLU B 72 -60.64 20.56 21.58
C GLU B 72 -59.31 20.76 20.86
N TYR B 73 -58.58 19.67 20.66
CA TYR B 73 -57.28 19.74 19.96
C TYR B 73 -57.48 20.13 18.49
N LYS B 74 -58.49 19.55 17.87
CA LYS B 74 -58.80 19.83 16.47
C LYS B 74 -59.13 21.31 16.31
N LYS B 75 -59.73 21.90 17.34
CA LYS B 75 -60.08 23.31 17.29
C LYS B 75 -58.81 24.15 17.31
N LEU B 76 -57.91 23.86 18.24
CA LEU B 76 -56.65 24.59 18.32
C LEU B 76 -55.92 24.43 16.99
N ILE B 77 -56.05 23.25 16.38
CA ILE B 77 -55.42 22.97 15.10
C ILE B 77 -55.95 23.97 14.08
N ASP B 78 -57.26 24.20 14.12
CA ASP B 78 -57.90 25.13 13.20
C ASP B 78 -57.50 26.58 13.50
N GLU B 79 -57.55 26.96 14.76
CA GLU B 79 -57.19 28.31 15.17
C GLU B 79 -55.79 28.69 14.70
N PHE B 80 -54.86 27.74 14.74
CA PHE B 80 -53.49 27.99 14.32
C PHE B 80 -53.25 27.79 12.83
N LYS B 81 -54.34 27.65 12.08
CA LYS B 81 -54.25 27.46 10.63
C LYS B 81 -53.25 26.37 10.24
N VAL B 82 -53.24 25.28 11.01
CA VAL B 82 -52.34 24.17 10.76
C VAL B 82 -52.58 23.60 9.36
N GLU B 83 -51.54 23.61 8.53
CA GLU B 83 -51.65 23.12 7.16
C GLU B 83 -51.59 21.59 7.06
N ARG B 84 -50.79 20.96 7.92
CA ARG B 84 -50.65 19.51 7.91
C ARG B 84 -50.70 18.90 9.30
N MSE B 85 -51.47 17.82 9.43
CA MSE B 85 -51.62 17.15 10.72
C MSE B 85 -51.47 15.63 10.64
O MSE B 85 -51.69 15.02 9.58
CB MSE B 85 -52.97 17.48 11.33
CG MSE B 85 -54.15 16.93 10.54
SE MSE B 85 -55.83 17.46 11.30
CE MSE B 85 -55.38 17.25 13.17
N LYS B 86 -51.13 15.02 11.77
CA LYS B 86 -50.94 13.58 11.84
C LYS B 86 -51.26 13.09 13.25
N ALA B 87 -52.25 12.21 13.37
CA ALA B 87 -52.64 11.66 14.66
C ALA B 87 -52.26 10.20 14.73
N VAL B 88 -51.63 9.79 15.82
CA VAL B 88 -51.23 8.40 15.98
C VAL B 88 -51.69 7.84 17.31
N ALA B 89 -51.77 6.52 17.38
CA ALA B 89 -52.16 5.83 18.60
C ALA B 89 -51.22 4.64 18.78
N THR B 90 -50.90 4.31 20.02
CA THR B 90 -50.03 3.19 20.32
C THR B 90 -50.72 1.89 19.94
N GLU B 91 -49.94 0.82 19.80
CA GLU B 91 -50.49 -0.48 19.43
C GLU B 91 -51.16 -1.15 20.63
N ALA B 92 -51.26 -0.39 21.72
CA ALA B 92 -51.89 -0.90 22.94
C ALA B 92 -53.39 -0.94 22.70
N ILE B 93 -53.91 0.10 22.05
CA ILE B 93 -55.33 0.20 21.75
C ILE B 93 -55.78 -1.07 21.00
N ARG B 94 -54.79 -1.83 20.53
CA ARG B 94 -55.05 -3.06 19.80
C ARG B 94 -55.58 -4.14 20.73
N ARG B 95 -55.27 -4.02 22.02
CA ARG B 95 -55.71 -4.99 23.02
C ARG B 95 -57.24 -5.01 23.11
N ALA B 96 -57.86 -3.85 22.84
CA ALA B 96 -59.31 -3.72 22.90
C ALA B 96 -60.00 -4.23 21.65
N LYS B 97 -61.08 -4.99 21.83
CA LYS B 97 -61.83 -5.54 20.71
C LYS B 97 -62.64 -4.45 20.00
N ASN B 98 -62.71 -3.26 20.60
CA ASN B 98 -63.46 -2.16 20.03
C ASN B 98 -62.58 -1.00 19.56
N ALA B 99 -61.33 -1.32 19.27
CA ALA B 99 -60.36 -0.32 18.81
C ALA B 99 -60.85 0.35 17.52
N GLU B 100 -61.32 -0.48 16.58
CA GLU B 100 -61.80 0.05 15.31
C GLU B 100 -63.06 0.87 15.52
N GLU B 101 -63.89 0.47 16.48
CA GLU B 101 -65.12 1.19 16.77
C GLU B 101 -64.74 2.62 17.14
N PHE B 102 -63.79 2.74 18.08
CA PHE B 102 -63.31 4.02 18.56
C PHE B 102 -62.66 4.85 17.43
N LEU B 103 -61.73 4.25 16.70
CA LEU B 103 -61.05 4.96 15.62
C LEU B 103 -62.05 5.48 14.58
N GLU B 104 -63.06 4.69 14.27
CA GLU B 104 -64.05 5.11 13.28
C GLU B 104 -64.87 6.27 13.83
N ARG B 105 -65.26 6.19 15.11
CA ARG B 105 -66.03 7.26 15.74
C ARG B 105 -65.25 8.58 15.68
N VAL B 106 -63.95 8.49 15.97
CA VAL B 106 -63.11 9.69 15.93
C VAL B 106 -63.16 10.25 14.52
N LYS B 107 -63.08 9.36 13.53
CA LYS B 107 -63.13 9.79 12.14
C LYS B 107 -64.39 10.60 11.81
N ARG B 108 -65.58 10.07 12.12
CA ARG B 108 -66.81 10.80 11.79
C ARG B 108 -67.22 11.93 12.74
N GLU B 109 -66.89 11.81 14.02
CA GLU B 109 -67.24 12.85 14.99
C GLU B 109 -66.19 13.94 15.15
N VAL B 110 -64.97 13.69 14.71
CA VAL B 110 -63.91 14.68 14.86
C VAL B 110 -63.27 15.02 13.53
N GLY B 111 -63.31 14.07 12.60
CA GLY B 111 -62.72 14.30 11.30
C GLY B 111 -61.23 14.04 11.33
N LEU B 112 -60.78 13.25 12.29
CA LEU B 112 -59.37 12.92 12.40
C LEU B 112 -59.15 11.46 12.03
N VAL B 113 -58.14 11.22 11.21
CA VAL B 113 -57.79 9.87 10.80
C VAL B 113 -56.62 9.49 11.70
N VAL B 114 -56.85 8.55 12.61
CA VAL B 114 -55.80 8.13 13.52
C VAL B 114 -55.11 6.87 13.01
N GLU B 115 -53.79 6.92 12.91
CA GLU B 115 -53.01 5.78 12.44
C GLU B 115 -52.43 5.02 13.62
N VAL B 116 -52.63 3.71 13.62
CA VAL B 116 -52.09 2.88 14.69
C VAL B 116 -50.63 2.64 14.33
N ILE B 117 -49.75 2.71 15.33
CA ILE B 117 -48.32 2.51 15.08
C ILE B 117 -47.68 1.45 15.97
N THR B 118 -46.69 0.77 15.43
CA THR B 118 -45.98 -0.28 16.15
C THR B 118 -44.89 0.28 17.05
N PRO B 119 -44.47 -0.51 18.04
CA PRO B 119 -43.41 -0.04 18.95
C PRO B 119 -42.19 0.35 18.12
N GLU B 120 -41.94 -0.42 17.06
CA GLU B 120 -40.81 -0.14 16.18
C GLU B 120 -40.95 1.25 15.57
N GLN B 121 -42.18 1.62 15.25
CA GLN B 121 -42.43 2.92 14.64
C GLN B 121 -42.28 4.06 15.64
N GLU B 122 -42.66 3.83 16.89
CA GLU B 122 -42.51 4.87 17.91
C GLU B 122 -41.03 5.19 18.03
N GLY B 123 -40.23 4.13 18.11
CA GLY B 123 -38.79 4.29 18.21
C GLY B 123 -38.26 5.10 17.06
N ARG B 124 -38.72 4.78 15.86
CA ARG B 124 -38.27 5.49 14.68
C ARG B 124 -38.59 6.99 14.74
N TYR B 125 -39.79 7.34 15.20
CA TYR B 125 -40.15 8.75 15.29
C TYR B 125 -39.20 9.49 16.21
N ALA B 126 -38.85 8.88 17.33
CA ALA B 126 -37.94 9.50 18.29
C ALA B 126 -36.58 9.70 17.61
N TYR B 127 -36.11 8.65 16.96
CA TYR B 127 -34.83 8.71 16.26
C TYR B 127 -34.80 9.83 15.22
N LEU B 128 -35.90 9.98 14.49
CA LEU B 128 -35.96 11.03 13.46
C LEU B 128 -35.86 12.44 14.05
N ALA B 129 -36.50 12.65 15.19
CA ALA B 129 -36.44 13.96 15.85
C ALA B 129 -34.97 14.25 16.17
N VAL B 130 -34.24 13.25 16.63
CA VAL B 130 -32.84 13.41 16.95
C VAL B 130 -32.00 13.65 15.69
N ALA B 131 -32.22 12.85 14.65
CA ALA B 131 -31.46 12.97 13.41
C ALA B 131 -31.59 14.36 12.83
N TYR B 132 -32.81 14.88 12.88
CA TYR B 132 -33.12 16.18 12.34
C TYR B 132 -32.56 17.33 13.18
N SER B 133 -32.76 17.29 14.50
CA SER B 133 -32.31 18.38 15.35
C SER B 133 -30.86 18.34 15.82
N LEU B 134 -30.26 17.16 15.95
CA LEU B 134 -28.88 17.06 16.43
C LEU B 134 -27.90 16.47 15.42
N LYS B 135 -28.41 15.79 14.40
CA LYS B 135 -27.56 15.19 13.38
C LYS B 135 -26.34 14.46 13.96
N PRO B 136 -26.55 13.53 14.90
CA PRO B 136 -25.41 12.80 15.49
C PRO B 136 -24.63 12.07 14.38
N GLU B 137 -23.32 11.90 14.58
CA GLU B 137 -22.42 11.26 13.60
C GLU B 137 -22.26 9.74 13.70
N GLY B 138 -21.92 9.10 12.59
CA GLY B 138 -21.70 7.66 12.55
C GLY B 138 -22.86 6.78 13.01
N GLU B 139 -22.54 5.60 13.53
CA GLU B 139 -23.56 4.68 14.03
C GLU B 139 -24.18 5.36 15.24
N VAL B 140 -25.46 5.67 15.13
CA VAL B 140 -26.14 6.35 16.22
C VAL B 140 -27.02 5.45 17.03
N MSE B 141 -26.91 5.56 18.35
CA MSE B 141 -27.77 4.76 19.21
C MSE B 141 -28.57 5.72 20.07
O MSE B 141 -28.01 6.48 20.86
CB MSE B 141 -26.97 3.80 20.10
CG MSE B 141 -27.90 2.91 20.94
SE MSE B 141 -27.06 1.53 21.98
CE MSE B 141 -26.26 2.61 23.33
N VAL B 142 -29.88 5.73 19.84
CA VAL B 142 -30.78 6.58 20.60
C VAL B 142 -31.36 5.74 21.73
N VAL B 143 -31.26 6.25 22.95
CA VAL B 143 -31.75 5.57 24.13
C VAL B 143 -32.91 6.37 24.71
N ASP B 144 -34.13 5.90 24.44
CA ASP B 144 -35.35 6.57 24.86
C ASP B 144 -35.99 5.86 26.08
N GLN B 145 -35.79 6.45 27.26
CA GLN B 145 -36.32 5.87 28.50
C GLN B 145 -37.63 6.52 28.91
N GLY B 146 -38.63 5.69 29.21
CA GLY B 146 -39.92 6.21 29.62
C GLY B 146 -41.09 5.25 29.47
N GLY B 147 -42.17 5.54 30.19
CA GLY B 147 -43.38 4.72 30.11
C GLY B 147 -43.26 3.23 30.35
N GLY B 148 -42.34 2.81 31.23
CA GLY B 148 -42.22 1.40 31.50
C GLY B 148 -41.19 0.66 30.68
N SER B 149 -40.48 1.37 29.80
CA SER B 149 -39.46 0.71 28.99
C SER B 149 -38.44 1.68 28.40
N THR B 150 -37.33 1.12 27.92
CA THR B 150 -36.28 1.92 27.32
C THR B 150 -35.98 1.33 25.94
N GLU B 151 -36.15 2.16 24.92
CA GLU B 151 -35.87 1.73 23.56
C GLU B 151 -34.48 2.13 23.09
N TYR B 152 -33.80 1.19 22.47
CA TYR B 152 -32.48 1.42 21.91
C TYR B 152 -32.68 1.36 20.40
N VAL B 153 -32.52 2.51 19.75
CA VAL B 153 -32.72 2.65 18.31
C VAL B 153 -31.39 2.92 17.62
N PHE B 154 -31.04 2.05 16.67
CA PHE B 154 -29.78 2.15 15.96
C PHE B 154 -29.96 2.56 14.51
N GLY B 155 -29.05 3.41 14.04
CA GLY B 155 -29.10 3.85 12.66
C GLY B 155 -27.95 4.78 12.33
N LYS B 156 -27.99 5.33 11.11
CA LYS B 156 -26.98 6.27 10.65
C LYS B 156 -27.78 7.30 9.85
N GLY B 157 -27.47 8.58 10.04
CA GLY B 157 -28.22 9.62 9.33
C GLY B 157 -29.68 9.52 9.71
N TYR B 158 -30.58 9.55 8.73
CA TYR B 158 -32.01 9.46 9.01
C TYR B 158 -32.54 8.04 8.88
N LYS B 159 -31.66 7.09 8.57
CA LYS B 159 -32.08 5.71 8.40
C LYS B 159 -32.01 4.88 9.66
N VAL B 160 -33.14 4.36 10.09
CA VAL B 160 -33.16 3.50 11.27
C VAL B 160 -32.98 2.07 10.78
N ARG B 161 -32.14 1.30 11.47
CA ARG B 161 -31.88 -0.07 11.08
C ARG B 161 -32.51 -1.08 12.01
N GLU B 162 -32.53 -0.75 13.30
CA GLU B 162 -33.08 -1.67 14.27
C GLU B 162 -33.54 -0.97 15.54
N VAL B 163 -34.67 -1.45 16.07
CA VAL B 163 -35.23 -0.91 17.31
C VAL B 163 -35.35 -2.08 18.29
N ILE B 164 -34.78 -1.94 19.47
CA ILE B 164 -34.84 -2.98 20.48
C ILE B 164 -35.45 -2.39 21.75
N SER B 165 -36.55 -2.99 22.22
CA SER B 165 -37.19 -2.51 23.43
C SER B 165 -36.77 -3.36 24.62
N LEU B 166 -36.18 -2.74 25.63
CA LEU B 166 -35.75 -3.46 26.83
C LEU B 166 -36.74 -3.21 27.96
N PRO B 167 -37.19 -4.27 28.65
CA PRO B 167 -38.15 -4.16 29.76
C PRO B 167 -37.51 -3.70 31.07
N ILE B 168 -36.97 -2.48 31.08
CA ILE B 168 -36.35 -1.97 32.29
C ILE B 168 -37.06 -0.73 32.84
N GLY B 169 -38.38 -0.78 32.91
CA GLY B 169 -39.14 0.35 33.42
C GLY B 169 -38.59 0.79 34.76
N ILE B 170 -38.37 2.08 34.96
CA ILE B 170 -37.82 2.54 36.23
C ILE B 170 -38.73 2.34 37.43
N VAL B 171 -40.05 2.40 37.24
CA VAL B 171 -40.96 2.17 38.36
C VAL B 171 -40.81 0.71 38.82
N ASN B 172 -40.96 -0.21 37.87
CA ASN B 172 -40.84 -1.65 38.17
C ASN B 172 -39.47 -2.02 38.75
N LEU B 173 -38.39 -1.48 38.19
CA LEU B 173 -37.06 -1.78 38.70
C LEU B 173 -36.86 -1.26 40.12
N THR B 174 -37.40 -0.07 40.38
CA THR B 174 -37.29 0.52 41.70
C THR B 174 -38.01 -0.35 42.74
N GLU B 175 -39.23 -0.77 42.41
CA GLU B 175 -40.02 -1.59 43.30
C GLU B 175 -39.35 -2.98 43.48
N THR B 176 -38.83 -3.51 42.39
CA THR B 176 -38.20 -4.83 42.41
C THR B 176 -36.91 -4.92 43.23
N PHE B 177 -35.94 -4.06 42.93
CA PHE B 177 -34.66 -4.09 43.62
C PHE B 177 -34.46 -3.23 44.87
N PHE B 178 -35.03 -2.03 44.87
CA PHE B 178 -34.84 -1.12 46.00
C PHE B 178 -35.94 -1.26 47.06
N LYS B 179 -35.74 -2.17 48.02
CA LYS B 179 -36.74 -2.36 49.06
C LYS B 179 -36.69 -1.22 50.06
N GLN B 180 -35.51 -0.65 50.25
CA GLN B 180 -35.34 0.48 51.16
C GLN B 180 -35.17 1.76 50.35
N ASP B 181 -35.41 2.89 50.98
CA ASP B 181 -35.29 4.18 50.33
C ASP B 181 -34.51 5.10 51.25
N PRO B 182 -33.23 5.38 50.91
CA PRO B 182 -32.49 4.89 49.74
C PRO B 182 -32.13 3.41 49.83
N PRO B 183 -31.86 2.78 48.68
CA PRO B 183 -31.51 1.35 48.64
C PRO B 183 -30.17 1.01 49.31
N THR B 184 -30.04 -0.23 49.76
CA THR B 184 -28.80 -0.68 50.39
C THR B 184 -27.76 -0.89 49.29
N GLU B 185 -26.49 -1.01 49.68
CA GLU B 185 -25.44 -1.23 48.70
C GLU B 185 -25.69 -2.51 47.87
N GLU B 186 -26.22 -3.55 48.53
CA GLU B 186 -26.50 -4.81 47.86
C GLU B 186 -27.64 -4.72 46.86
N GLU B 187 -28.66 -3.95 47.19
CA GLU B 187 -29.80 -3.78 46.30
C GLU B 187 -29.37 -3.05 45.03
N VAL B 188 -28.41 -2.13 45.17
CA VAL B 188 -27.93 -1.39 44.01
C VAL B 188 -27.05 -2.35 43.19
N LYS B 189 -26.31 -3.20 43.87
CA LYS B 189 -25.45 -4.17 43.21
C LYS B 189 -26.30 -5.07 42.34
N ARG B 190 -27.38 -5.59 42.91
CA ARG B 190 -28.30 -6.46 42.18
C ARG B 190 -28.99 -5.75 41.03
N PHE B 191 -29.30 -4.48 41.24
CA PHE B 191 -29.94 -3.66 40.22
C PHE B 191 -28.99 -3.55 39.02
N PHE B 192 -27.74 -3.23 39.29
CA PHE B 192 -26.74 -3.10 38.24
C PHE B 192 -26.38 -4.43 37.58
N GLU B 193 -26.45 -5.53 38.33
CA GLU B 193 -26.14 -6.84 37.73
C GLU B 193 -27.25 -7.14 36.72
N PHE B 194 -28.49 -6.86 37.12
CA PHE B 194 -29.60 -7.08 36.20
C PHE B 194 -29.43 -6.24 34.93
N LEU B 195 -29.07 -4.97 35.09
CA LEU B 195 -28.91 -4.13 33.92
C LEU B 195 -27.72 -4.59 33.06
N GLU B 196 -26.64 -5.02 33.69
CA GLU B 196 -25.49 -5.48 32.91
C GLU B 196 -25.89 -6.65 32.02
N LYS B 197 -26.59 -7.62 32.61
CA LYS B 197 -27.05 -8.79 31.86
C LYS B 197 -27.90 -8.41 30.66
N GLU B 198 -28.91 -7.56 30.85
CA GLU B 198 -29.78 -7.15 29.75
C GLU B 198 -29.10 -6.33 28.66
N LEU B 199 -28.25 -5.38 29.04
CA LEU B 199 -27.56 -4.52 28.07
C LEU B 199 -26.45 -5.25 27.32
N SER B 200 -25.81 -6.22 27.97
CA SER B 200 -24.74 -6.96 27.34
C SER B 200 -25.27 -7.74 26.15
N LYS B 201 -26.56 -8.07 26.17
CA LYS B 201 -27.18 -8.81 25.07
C LYS B 201 -27.25 -7.98 23.80
N VAL B 202 -27.34 -6.66 23.93
CA VAL B 202 -27.43 -5.80 22.75
C VAL B 202 -26.17 -4.95 22.53
N LYS B 203 -25.11 -5.26 23.27
CA LYS B 203 -23.86 -4.54 23.14
C LYS B 203 -23.21 -4.71 21.76
N LYS B 204 -22.74 -3.60 21.20
CA LYS B 204 -22.07 -3.62 19.91
C LYS B 204 -21.41 -2.27 19.72
N PRO B 205 -20.41 -2.18 18.83
CA PRO B 205 -19.74 -0.90 18.59
C PRO B 205 -20.71 0.15 18.09
N VAL B 206 -20.67 1.34 18.69
CA VAL B 206 -21.52 2.45 18.26
C VAL B 206 -20.66 3.70 18.34
N ASP B 207 -21.02 4.73 17.59
CA ASP B 207 -20.21 5.94 17.60
C ASP B 207 -20.76 7.07 18.47
N THR B 208 -22.07 7.28 18.45
CA THR B 208 -22.70 8.36 19.21
C THR B 208 -23.96 7.88 19.94
N ILE B 209 -24.04 8.18 21.23
CA ILE B 209 -25.20 7.81 22.03
C ILE B 209 -26.01 9.08 22.36
N VAL B 210 -27.31 9.02 22.13
CA VAL B 210 -28.19 10.15 22.42
C VAL B 210 -29.29 9.70 23.36
N GLY B 211 -29.41 10.36 24.51
CA GLY B 211 -30.42 9.99 25.49
C GLY B 211 -31.65 10.87 25.47
N LEU B 212 -32.82 10.23 25.59
CA LEU B 212 -34.10 10.93 25.61
C LEU B 212 -34.91 10.50 26.83
N GLY B 213 -35.78 11.38 27.31
CA GLY B 213 -36.62 11.03 28.43
C GLY B 213 -36.54 11.97 29.62
N GLY B 214 -37.51 11.82 30.51
CA GLY B 214 -37.58 12.62 31.71
C GLY B 214 -36.34 12.53 32.58
N THR B 215 -35.79 11.33 32.71
CA THR B 215 -34.60 11.14 33.54
C THR B 215 -33.41 11.92 33.04
N ILE B 216 -33.05 11.68 31.78
CA ILE B 216 -31.88 12.31 31.21
C ILE B 216 -31.98 13.84 31.05
N THR B 217 -33.17 14.35 30.75
CA THR B 217 -33.31 15.81 30.63
C THR B 217 -33.23 16.43 32.02
N THR B 218 -33.59 15.66 33.04
CA THR B 218 -33.52 16.16 34.41
C THR B 218 -32.08 16.17 34.88
N LEU B 219 -31.32 15.15 34.50
CA LEU B 219 -29.90 15.06 34.86
C LEU B 219 -29.13 16.23 34.24
N ALA B 220 -29.45 16.55 33.00
CA ALA B 220 -28.79 17.66 32.31
C ALA B 220 -29.14 18.96 33.04
N ALA B 221 -30.41 19.13 33.36
CA ALA B 221 -30.87 20.33 34.06
C ALA B 221 -30.14 20.42 35.40
N LEU B 222 -29.89 19.27 36.02
CA LEU B 222 -29.18 19.26 37.31
C LEU B 222 -27.74 19.68 37.14
N GLU B 223 -27.04 19.01 36.23
CA GLU B 223 -25.64 19.28 35.97
C GLU B 223 -25.35 20.70 35.53
N TYR B 224 -26.20 21.25 34.68
CA TYR B 224 -26.02 22.60 34.16
C TYR B 224 -26.84 23.67 34.87
N ASN B 225 -27.43 23.31 36.01
CA ASN B 225 -28.21 24.25 36.80
C ASN B 225 -29.27 24.98 35.99
N VAL B 226 -30.10 24.23 35.27
CA VAL B 226 -31.15 24.83 34.46
C VAL B 226 -32.42 24.82 35.31
N TYR B 227 -32.93 26.01 35.60
CA TYR B 227 -34.14 26.17 36.41
C TYR B 227 -34.66 27.60 36.26
N PRO B 228 -35.91 27.78 35.81
CA PRO B 228 -36.86 26.71 35.42
C PRO B 228 -36.32 25.92 34.24
N TYR B 229 -36.91 24.75 33.98
CA TYR B 229 -36.47 23.94 32.87
C TYR B 229 -36.65 24.74 31.60
N ASP B 230 -35.67 24.67 30.72
CA ASP B 230 -35.73 25.38 29.46
C ASP B 230 -35.14 24.48 28.39
N PRO B 231 -35.96 24.02 27.44
CA PRO B 231 -35.52 23.14 26.34
C PRO B 231 -34.25 23.65 25.64
N GLN B 232 -34.18 24.96 25.43
CA GLN B 232 -33.04 25.56 24.76
C GLN B 232 -31.73 25.40 25.52
N LYS B 233 -31.79 25.31 26.84
CA LYS B 233 -30.57 25.18 27.64
C LYS B 233 -30.19 23.72 27.89
N VAL B 234 -31.04 22.80 27.49
CA VAL B 234 -30.76 21.39 27.73
C VAL B 234 -30.51 20.58 26.47
N HIS B 235 -31.30 20.83 25.45
CA HIS B 235 -31.18 20.13 24.17
C HIS B 235 -29.77 20.22 23.63
N GLY B 236 -29.17 19.08 23.32
CA GLY B 236 -27.82 19.09 22.78
C GLY B 236 -26.71 19.15 23.81
N LYS B 237 -27.06 19.22 25.09
CA LYS B 237 -26.04 19.27 26.12
C LYS B 237 -25.32 17.91 26.20
N VAL B 238 -24.04 17.95 26.56
CA VAL B 238 -23.25 16.74 26.70
C VAL B 238 -23.13 16.32 28.16
N LEU B 239 -23.22 15.02 28.42
CA LEU B 239 -23.07 14.52 29.77
C LEU B 239 -22.09 13.36 29.71
N THR B 240 -21.07 13.39 30.57
CA THR B 240 -20.10 12.31 30.59
C THR B 240 -20.49 11.25 31.59
N TYR B 241 -19.83 10.10 31.50
CA TYR B 241 -20.07 9.00 32.41
C TYR B 241 -19.83 9.51 33.85
N GLY B 242 -18.75 10.28 34.01
CA GLY B 242 -18.42 10.83 35.33
C GLY B 242 -19.49 11.73 35.91
N GLN B 243 -20.10 12.56 35.07
CA GLN B 243 -21.14 13.46 35.54
C GLN B 243 -22.38 12.68 35.94
N ILE B 244 -22.75 11.69 35.13
CA ILE B 244 -23.92 10.89 35.45
C ILE B 244 -23.66 10.07 36.71
N LYS B 245 -22.43 9.57 36.88
CA LYS B 245 -22.06 8.78 38.06
C LYS B 245 -22.12 9.68 39.30
N LYS B 246 -21.67 10.91 39.12
CA LYS B 246 -21.66 11.91 40.18
C LYS B 246 -23.06 12.06 40.76
N TRP B 247 -24.05 12.24 39.89
CA TRP B 247 -25.43 12.39 40.34
C TRP B 247 -26.00 11.08 40.90
N PHE B 248 -25.64 9.95 40.31
CA PHE B 248 -26.15 8.69 40.83
C PHE B 248 -25.68 8.53 42.27
N ASP B 249 -24.39 8.81 42.51
CA ASP B 249 -23.81 8.69 43.86
C ASP B 249 -24.40 9.68 44.85
N THR B 250 -24.70 10.90 44.38
CA THR B 250 -25.29 11.90 45.25
C THR B 250 -26.69 11.45 45.70
N PHE B 251 -27.52 11.03 44.75
CA PHE B 251 -28.88 10.60 45.05
C PHE B 251 -29.02 9.25 45.77
N LYS B 252 -28.11 8.31 45.53
CA LYS B 252 -28.20 6.99 46.18
C LYS B 252 -27.95 7.05 47.68
N GLU B 253 -27.25 8.09 48.12
CA GLU B 253 -26.92 8.25 49.52
C GLU B 253 -28.00 8.95 50.36
N ILE B 254 -29.09 9.39 49.73
CA ILE B 254 -30.15 10.07 50.46
C ILE B 254 -31.55 9.59 50.11
N PRO B 255 -32.51 9.78 51.03
CA PRO B 255 -33.91 9.37 50.82
C PRO B 255 -34.51 10.18 49.68
N SER B 256 -35.52 9.62 49.02
CA SER B 256 -36.16 10.32 47.91
C SER B 256 -36.64 11.73 48.26
N GLU B 257 -37.22 11.90 49.45
CA GLU B 257 -37.71 13.23 49.87
C GLU B 257 -36.60 14.26 49.81
N GLU B 258 -35.47 13.93 50.41
CA GLU B 258 -34.33 14.82 50.44
C GLU B 258 -33.79 15.16 49.05
N ARG B 259 -34.01 14.28 48.08
CA ARG B 259 -33.55 14.53 46.70
C ARG B 259 -34.33 15.68 46.08
N SER B 260 -35.65 15.61 46.18
CA SER B 260 -36.53 16.63 45.62
C SER B 260 -36.51 17.95 46.37
N LYS B 261 -36.12 17.90 47.65
CA LYS B 261 -36.08 19.12 48.45
C LYS B 261 -34.73 19.81 48.33
N ARG B 262 -33.67 19.05 48.12
CA ARG B 262 -32.34 19.63 47.99
C ARG B 262 -31.99 19.99 46.54
N PHE B 263 -32.70 19.39 45.59
CA PHE B 263 -32.47 19.66 44.17
C PHE B 263 -33.81 19.91 43.48
N ARG B 264 -34.10 21.19 43.27
CA ARG B 264 -35.34 21.64 42.66
C ARG B 264 -35.66 21.12 41.27
N GLN B 265 -34.66 20.65 40.53
CA GLN B 265 -34.92 20.12 39.21
C GLN B 265 -35.65 18.77 39.27
N VAL B 266 -35.67 18.18 40.45
CA VAL B 266 -36.31 16.88 40.64
C VAL B 266 -37.77 16.95 41.08
N GLU B 267 -38.69 16.59 40.19
CA GLU B 267 -40.12 16.59 40.51
C GLU B 267 -40.38 15.66 41.68
N ASP B 268 -41.36 16.00 42.51
CA ASP B 268 -41.72 15.17 43.65
C ASP B 268 -42.11 13.75 43.21
N ARG B 269 -42.87 13.66 42.13
CA ARG B 269 -43.34 12.39 41.60
C ARG B 269 -42.25 11.44 41.10
N ARG B 270 -41.11 11.99 40.71
CA ARG B 270 -40.00 11.19 40.18
C ARG B 270 -38.85 11.08 41.16
N ALA B 271 -38.98 11.74 42.31
CA ALA B 271 -37.92 11.74 43.32
C ALA B 271 -37.35 10.36 43.66
N LYS B 272 -38.20 9.36 43.75
CA LYS B 272 -37.74 8.03 44.11
C LYS B 272 -37.22 7.19 42.94
N VAL B 273 -37.96 7.14 41.84
CA VAL B 273 -37.57 6.32 40.70
C VAL B 273 -36.45 6.89 39.83
N ILE B 274 -36.11 8.16 40.03
CA ILE B 274 -35.08 8.77 39.20
C ILE B 274 -33.73 8.11 39.36
N LEU B 275 -33.47 7.54 40.52
CA LEU B 275 -32.20 6.88 40.76
C LEU B 275 -32.02 5.69 39.82
N ALA B 276 -33.09 4.92 39.61
CA ALA B 276 -33.02 3.78 38.71
C ALA B 276 -32.85 4.29 37.28
N GLY B 277 -33.50 5.40 36.98
CA GLY B 277 -33.41 5.96 35.65
C GLY B 277 -31.98 6.36 35.35
N ILE B 278 -31.34 6.98 36.33
CA ILE B 278 -29.97 7.40 36.17
C ILE B 278 -29.06 6.20 35.96
N GLY B 279 -29.30 5.14 36.74
CA GLY B 279 -28.51 3.92 36.64
C GLY B 279 -28.56 3.31 35.25
N ILE B 280 -29.73 3.39 34.61
CA ILE B 280 -29.90 2.86 33.26
C ILE B 280 -28.89 3.52 32.32
N PHE B 281 -28.88 4.85 32.28
CA PHE B 281 -27.94 5.53 31.40
C PHE B 281 -26.48 5.29 31.81
N LEU B 282 -26.22 5.26 33.11
CA LEU B 282 -24.86 5.03 33.59
C LEU B 282 -24.33 3.67 33.09
N LYS B 283 -25.09 2.61 33.31
CA LYS B 283 -24.67 1.28 32.87
C LYS B 283 -24.61 1.18 31.34
N THR B 284 -25.51 1.90 30.65
CA THR B 284 -25.52 1.89 29.20
C THR B 284 -24.18 2.42 28.66
N LEU B 285 -23.71 3.54 29.21
CA LEU B 285 -22.44 4.09 28.76
C LEU B 285 -21.30 3.11 29.05
N GLU B 286 -21.33 2.49 30.23
CA GLU B 286 -20.30 1.52 30.61
C GLU B 286 -20.25 0.33 29.63
N ILE B 287 -21.41 -0.29 29.41
CA ILE B 287 -21.52 -1.45 28.52
C ILE B 287 -21.10 -1.15 27.07
N PHE B 288 -21.53 -0.02 26.55
CA PHE B 288 -21.19 0.34 25.19
C PHE B 288 -19.84 1.03 25.08
N GLU B 289 -19.12 1.10 26.21
CA GLU B 289 -17.79 1.69 26.25
C GLU B 289 -17.71 3.11 25.70
N LYS B 290 -18.66 3.95 26.09
CA LYS B 290 -18.68 5.33 25.65
C LYS B 290 -18.53 6.22 26.88
N ASP B 291 -17.75 7.29 26.77
CA ASP B 291 -17.51 8.20 27.89
C ASP B 291 -18.56 9.32 28.00
N CSX B 292 -19.46 9.41 27.04
CA CSX B 292 -20.45 10.47 27.09
CB CSX B 292 -19.84 11.83 26.67
SG CSX B 292 -19.04 11.83 25.01
C CSX B 292 -21.65 10.20 26.18
O CSX B 292 -21.64 9.28 25.37
OD CSX B 292 -20.13 11.95 23.99
N LEU B 293 -22.67 11.03 26.33
CA LEU B 293 -23.84 10.93 25.49
C LEU B 293 -24.37 12.33 25.29
N ILE B 294 -25.19 12.51 24.27
CA ILE B 294 -25.77 13.81 24.00
C ILE B 294 -27.23 13.77 24.49
N VAL B 295 -27.69 14.86 25.08
CA VAL B 295 -29.07 14.90 25.58
C VAL B 295 -30.03 15.54 24.57
N SER B 296 -31.17 14.90 24.38
CA SER B 296 -32.17 15.41 23.47
C SER B 296 -33.46 15.69 24.22
N ASP B 297 -33.99 16.90 24.02
CA ASP B 297 -35.25 17.24 24.66
C ASP B 297 -36.36 16.81 23.71
N TRP B 298 -36.00 16.52 22.46
CA TRP B 298 -36.97 16.10 21.46
C TRP B 298 -37.13 14.58 21.42
N GLY B 299 -38.32 14.13 21.04
CA GLY B 299 -38.62 12.73 20.96
C GLY B 299 -39.75 12.40 20.01
N LEU B 300 -40.52 11.37 20.36
CA LEU B 300 -41.63 10.93 19.53
C LEU B 300 -42.54 12.04 19.01
N ARG B 301 -43.04 12.88 19.91
CA ARG B 301 -43.94 13.97 19.51
C ARG B 301 -43.37 14.89 18.45
N GLU B 302 -42.11 15.29 18.59
CA GLU B 302 -41.48 16.17 17.61
C GLU B 302 -41.12 15.36 16.37
N GLY B 303 -40.77 14.08 16.58
CA GLY B 303 -40.41 13.21 15.49
C GLY B 303 -41.52 13.09 14.46
N VAL B 304 -42.76 13.05 14.93
CA VAL B 304 -43.91 12.96 14.04
C VAL B 304 -43.97 14.23 13.19
N LEU B 305 -43.72 15.37 13.81
CA LEU B 305 -43.74 16.65 13.10
C LEU B 305 -42.68 16.64 12.00
N VAL B 306 -41.52 16.08 12.31
CA VAL B 306 -40.43 15.99 11.35
C VAL B 306 -40.82 15.08 10.19
N SER B 307 -41.50 13.99 10.51
CA SER B 307 -41.94 13.03 9.51
C SER B 307 -42.96 13.65 8.56
N GLU B 308 -43.84 14.49 9.11
CA GLU B 308 -44.87 15.14 8.33
C GLU B 308 -44.32 16.34 7.56
N MSE B 309 -43.00 16.48 7.56
CA MSE B 309 -42.36 17.60 6.87
C MSE B 309 -41.53 17.11 5.69
O MSE B 309 -41.75 17.50 4.55
CB MSE B 309 -41.47 18.37 7.83
CG MSE B 309 -40.78 19.57 7.21
SE MSE B 309 -39.50 20.33 8.43
CE MSE B 309 -37.96 19.28 7.93
N LEU B 310 -40.56 16.23 5.97
CA LEU B 310 -39.71 15.70 4.91
C LEU B 310 -40.55 14.88 3.93
CL CL C . 39.54 -13.85 -31.96
C TRS D . 38.92 0.50 -23.06
C1 TRS D . 39.02 -0.28 -24.39
C2 TRS D . 40.22 1.27 -22.86
C3 TRS D . 37.68 1.38 -23.24
N TRS D . 38.76 -0.34 -21.85
O1 TRS D . 39.77 -1.55 -24.25
O2 TRS D . 41.39 0.37 -22.70
O3 TRS D . 37.72 2.26 -24.37
CL CL E . -39.56 3.87 32.26
#